data_9C7L
#
_entry.id   9C7L
#
_cell.length_a   181.521
_cell.length_b   181.521
_cell.length_c   55.763
_cell.angle_alpha   90.000
_cell.angle_beta   90.000
_cell.angle_gamma   120.000
#
_symmetry.space_group_name_H-M   'P 63'
#
loop_
_entity.id
_entity.type
_entity.pdbx_description
1 polymer 'Pentalenene synthase'
2 non-polymer '(2Z,6E)-2-fluoro-3,7,11-trimethyldodeca-2,6,10-trien-1-yl trihydrogen diphosphate'
3 non-polymer 'MAGNESIUM ION'
4 water water
#
_entity_poly.entity_id   1
_entity_poly.type   'polypeptide(L)'
_entity_poly.pdbx_seq_one_letter_code
;MPQDVDFHIPLPGRQSPDHARAEAEQLAWPRSLGLIRSDAAAERHLRGGYADLASRFYPHATGADLDLGVDLMSWAFLFD
DLFDGPRGENPEDTKQLTDQVAAALDGPLPDTAPPIAHGFADIWRRTCEGMTPAWCARSARHWRNYFDGYVDEAESRFWN
APCDSAAQYLAMRRHTIGVQPTVDLAERAGRFEVPHRVFDSAVMSAMLQIAVDVNLLLNDIASLEKEEARGEQNNMVMIL
RREHGWSKSRSVSHMQNEVRARLEQYLLLESCLPKVGEIYQLDTAEREALERYRTDAVRTVIRGSYDWHRSSGRYDAEFA
LAAGAQGYLEELGSSAH
;
_entity_poly.pdbx_strand_id   A,B
#
# COMPACT_ATOMS: atom_id res chain seq x y z
N ASP A 4 -29.65 -1.53 -11.86
CA ASP A 4 -28.20 -1.53 -11.89
C ASP A 4 -27.62 -0.12 -11.92
N VAL A 5 -26.30 -0.03 -11.88
CA VAL A 5 -25.59 1.24 -11.92
C VAL A 5 -24.52 1.17 -13.00
N ASP A 6 -24.28 2.30 -13.65
CA ASP A 6 -23.34 2.38 -14.76
C ASP A 6 -22.00 2.94 -14.30
N PHE A 7 -20.94 2.50 -14.97
CA PHE A 7 -19.59 2.96 -14.67
C PHE A 7 -18.85 3.27 -15.96
N HIS A 8 -17.89 4.19 -15.86
CA HIS A 8 -17.02 4.54 -16.98
C HIS A 8 -15.87 3.53 -17.02
N ILE A 9 -16.01 2.52 -17.88
CA ILE A 9 -14.96 1.52 -18.08
C ILE A 9 -14.62 1.48 -19.56
N PRO A 10 -13.80 2.41 -20.07
CA PRO A 10 -13.48 2.48 -21.50
C PRO A 10 -12.46 1.43 -21.95
N LEU A 11 -12.74 0.17 -21.66
CA LEU A 11 -11.92 -0.95 -22.09
C LEU A 11 -12.79 -1.97 -22.80
N PRO A 12 -12.26 -2.66 -23.82
CA PRO A 12 -13.09 -3.61 -24.58
C PRO A 12 -13.37 -4.86 -23.78
N GLY A 13 -14.64 -5.30 -23.80
CA GLY A 13 -15.00 -6.55 -23.16
C GLY A 13 -14.48 -7.74 -23.95
N ARG A 14 -13.93 -8.71 -23.25
CA ARG A 14 -13.35 -9.90 -23.86
C ARG A 14 -13.74 -11.13 -23.06
N GLN A 15 -13.87 -12.25 -23.76
CA GLN A 15 -14.17 -13.53 -23.12
C GLN A 15 -13.46 -14.63 -23.89
N SER A 16 -12.84 -15.57 -23.16
CA SER A 16 -12.09 -16.62 -23.81
C SER A 16 -12.97 -17.41 -24.77
N PRO A 17 -12.45 -17.81 -25.94
CA PRO A 17 -13.26 -18.61 -26.86
C PRO A 17 -13.54 -20.01 -26.36
N ASP A 18 -12.82 -20.50 -25.36
CA ASP A 18 -13.04 -21.82 -24.78
C ASP A 18 -13.93 -21.76 -23.54
N HIS A 19 -14.74 -20.71 -23.41
CA HIS A 19 -15.51 -20.50 -22.19
C HIS A 19 -16.58 -21.56 -22.01
N ALA A 20 -17.22 -22.00 -23.10
CA ALA A 20 -18.35 -22.93 -22.98
C ALA A 20 -17.89 -24.27 -22.42
N ARG A 21 -16.75 -24.78 -22.88
CA ARG A 21 -16.23 -26.03 -22.32
C ARG A 21 -15.82 -25.84 -20.87
N ALA A 22 -15.14 -24.73 -20.55
CA ALA A 22 -14.69 -24.49 -19.19
C ALA A 22 -15.87 -24.39 -18.24
N GLU A 23 -16.94 -23.71 -18.67
CA GLU A 23 -18.15 -23.62 -17.85
C GLU A 23 -18.81 -24.98 -17.70
N ALA A 24 -18.77 -25.80 -18.76
CA ALA A 24 -19.41 -27.10 -18.70
C ALA A 24 -18.69 -28.06 -17.76
N GLU A 25 -17.37 -27.95 -17.65
CA GLU A 25 -16.56 -28.89 -16.89
C GLU A 25 -16.15 -28.37 -15.52
N GLN A 26 -16.67 -27.21 -15.11
CA GLN A 26 -16.11 -26.51 -13.96
C GLN A 26 -16.28 -27.27 -12.65
N LEU A 27 -17.28 -28.15 -12.54
CA LEU A 27 -17.57 -28.82 -11.27
C LEU A 27 -16.65 -29.99 -10.99
N ALA A 28 -16.01 -30.55 -12.01
CA ALA A 28 -15.24 -31.78 -11.82
C ALA A 28 -14.10 -31.59 -10.83
N TRP A 29 -13.40 -30.44 -10.89
CA TRP A 29 -12.24 -30.25 -10.01
C TRP A 29 -12.64 -30.03 -8.56
N PRO A 30 -13.53 -29.09 -8.21
CA PRO A 30 -13.90 -28.97 -6.79
C PRO A 30 -14.59 -30.20 -6.23
N ARG A 31 -15.26 -30.99 -7.08
CA ARG A 31 -15.83 -32.26 -6.62
C ARG A 31 -14.74 -33.24 -6.24
N SER A 32 -13.72 -33.39 -7.10
CA SER A 32 -12.65 -34.34 -6.81
C SER A 32 -11.82 -33.93 -5.61
N LEU A 33 -11.79 -32.64 -5.27
CA LEU A 33 -11.07 -32.14 -4.11
C LEU A 33 -11.95 -32.09 -2.86
N GLY A 34 -13.19 -32.55 -2.93
CA GLY A 34 -14.07 -32.53 -1.78
C GLY A 34 -14.53 -31.14 -1.37
N LEU A 35 -14.51 -30.18 -2.27
CA LEU A 35 -14.95 -28.82 -1.97
C LEU A 35 -16.43 -28.61 -2.25
N ILE A 36 -17.01 -29.37 -3.16
CA ILE A 36 -18.45 -29.38 -3.41
C ILE A 36 -18.94 -30.80 -3.13
N ARG A 37 -19.80 -30.93 -2.11
CA ARG A 37 -20.13 -32.24 -1.57
C ARG A 37 -21.61 -32.59 -1.68
N SER A 38 -22.41 -31.78 -2.39
CA SER A 38 -23.82 -32.09 -2.59
C SER A 38 -24.27 -31.42 -3.88
N ASP A 39 -25.44 -31.86 -4.36
CA ASP A 39 -25.97 -31.29 -5.60
C ASP A 39 -26.51 -29.89 -5.39
N ALA A 40 -26.99 -29.57 -4.18
CA ALA A 40 -27.41 -28.20 -3.89
C ALA A 40 -26.21 -27.27 -3.82
N ALA A 41 -25.10 -27.74 -3.27
CA ALA A 41 -23.88 -26.95 -3.28
C ALA A 41 -23.37 -26.75 -4.70
N ALA A 42 -23.51 -27.79 -5.55
CA ALA A 42 -23.07 -27.67 -6.93
C ALA A 42 -23.89 -26.62 -7.68
N GLU A 43 -25.20 -26.60 -7.47
CA GLU A 43 -26.03 -25.62 -8.16
C GLU A 43 -25.78 -24.21 -7.65
N ARG A 44 -25.55 -24.05 -6.34
CA ARG A 44 -25.17 -22.74 -5.82
C ARG A 44 -23.85 -22.29 -6.42
N HIS A 45 -22.94 -23.22 -6.68
CA HIS A 45 -21.68 -22.87 -7.33
C HIS A 45 -21.93 -22.40 -8.76
N LEU A 46 -22.70 -23.17 -9.52
CA LEU A 46 -23.00 -22.81 -10.90
C LEU A 46 -23.63 -21.43 -10.99
N ARG A 47 -24.48 -21.09 -10.03
CA ARG A 47 -25.15 -19.80 -10.05
C ARG A 47 -24.19 -18.64 -9.77
N GLY A 48 -23.01 -18.92 -9.23
CA GLY A 48 -22.04 -17.85 -9.04
C GLY A 48 -21.44 -17.34 -10.33
N GLY A 49 -21.42 -18.18 -11.37
CA GLY A 49 -20.82 -17.77 -12.64
C GLY A 49 -19.31 -17.64 -12.56
N TYR A 50 -18.63 -18.57 -11.88
CA TYR A 50 -17.21 -18.40 -11.62
C TYR A 50 -16.37 -18.75 -12.84
N ALA A 51 -16.82 -19.69 -13.68
CA ALA A 51 -16.13 -19.94 -14.93
C ALA A 51 -16.31 -18.77 -15.89
N ASP A 52 -17.49 -18.16 -15.90
CA ASP A 52 -17.72 -16.96 -16.68
C ASP A 52 -16.75 -15.85 -16.27
N LEU A 53 -16.61 -15.64 -14.96
CA LEU A 53 -15.66 -14.64 -14.46
C LEU A 53 -14.24 -14.95 -14.91
N ALA A 54 -13.81 -16.20 -14.74
CA ALA A 54 -12.46 -16.59 -15.14
C ALA A 54 -12.23 -16.39 -16.64
N SER A 55 -13.26 -16.67 -17.45
CA SER A 55 -13.13 -16.52 -18.89
C SER A 55 -13.02 -15.07 -19.33
N ARG A 56 -13.44 -14.13 -18.48
CA ARG A 56 -13.29 -12.71 -18.76
C ARG A 56 -12.04 -12.11 -18.12
N PHE A 57 -11.62 -12.64 -16.96
CA PHE A 57 -10.29 -12.30 -16.44
C PHE A 57 -9.19 -12.80 -17.36
N TYR A 58 -9.39 -13.98 -17.95
CA TYR A 58 -8.35 -14.67 -18.72
C TYR A 58 -8.83 -15.02 -20.13
N PRO A 59 -9.24 -14.01 -20.92
CA PRO A 59 -9.71 -14.31 -22.28
C PRO A 59 -8.62 -14.87 -23.17
N HIS A 60 -7.36 -14.62 -22.86
CA HIS A 60 -6.22 -15.13 -23.61
C HIS A 60 -5.93 -16.60 -23.33
N ALA A 61 -6.63 -17.22 -22.40
CA ALA A 61 -6.35 -18.59 -21.99
C ALA A 61 -7.39 -19.55 -22.53
N THR A 62 -6.94 -20.74 -22.90
CA THR A 62 -7.81 -21.84 -23.30
C THR A 62 -7.31 -23.12 -22.64
N GLY A 63 -8.13 -24.16 -22.71
CA GLY A 63 -7.71 -25.48 -22.26
C GLY A 63 -7.33 -25.52 -20.80
N ALA A 64 -6.27 -26.27 -20.50
CA ALA A 64 -5.84 -26.45 -19.11
C ALA A 64 -5.45 -25.13 -18.46
N ASP A 65 -4.93 -24.17 -19.24
CA ASP A 65 -4.63 -22.86 -18.68
C ASP A 65 -5.88 -22.14 -18.21
N LEU A 66 -6.94 -22.18 -19.02
CA LEU A 66 -8.20 -21.57 -18.61
C LEU A 66 -8.82 -22.32 -17.43
N ASP A 67 -8.69 -23.65 -17.42
CA ASP A 67 -9.21 -24.44 -16.30
C ASP A 67 -8.56 -24.03 -14.99
N LEU A 68 -7.25 -23.76 -15.00
CA LEU A 68 -6.59 -23.27 -13.80
C LEU A 68 -7.20 -21.95 -13.34
N GLY A 69 -7.56 -21.08 -14.29
CA GLY A 69 -8.23 -19.84 -13.93
C GLY A 69 -9.61 -20.07 -13.36
N VAL A 70 -10.34 -21.05 -13.92
CA VAL A 70 -11.66 -21.39 -13.38
C VAL A 70 -11.54 -21.91 -11.96
N ASP A 71 -10.58 -22.82 -11.73
CA ASP A 71 -10.42 -23.40 -10.40
C ASP A 71 -10.03 -22.36 -9.37
N LEU A 72 -9.24 -21.35 -9.77
CA LEU A 72 -8.89 -20.29 -8.84
C LEU A 72 -10.14 -19.51 -8.42
N MET A 73 -10.96 -19.10 -9.39
CA MET A 73 -12.21 -18.42 -9.05
C MET A 73 -13.10 -19.31 -8.20
N SER A 74 -13.22 -20.59 -8.58
CA SER A 74 -14.01 -21.53 -7.79
C SER A 74 -13.51 -21.59 -6.36
N TRP A 75 -12.20 -21.85 -6.20
CA TRP A 75 -11.64 -21.98 -4.86
C TRP A 75 -11.77 -20.70 -4.06
N ALA A 76 -11.52 -19.55 -4.70
CA ALA A 76 -11.47 -18.29 -3.96
C ALA A 76 -12.80 -17.93 -3.34
N PHE A 77 -13.90 -18.24 -4.03
CA PHE A 77 -15.21 -17.87 -3.49
C PHE A 77 -15.71 -18.90 -2.48
N LEU A 78 -15.36 -20.17 -2.66
CA LEU A 78 -15.62 -21.16 -1.62
C LEU A 78 -14.86 -20.81 -0.35
N PHE A 79 -13.57 -20.48 -0.49
CA PHE A 79 -12.78 -20.05 0.66
C PHE A 79 -13.41 -18.84 1.34
N ASP A 80 -13.80 -17.83 0.57
CA ASP A 80 -14.36 -16.61 1.15
C ASP A 80 -15.67 -16.88 1.89
N ASP A 81 -16.45 -17.85 1.44
CA ASP A 81 -17.71 -18.16 2.10
C ASP A 81 -17.52 -18.79 3.47
N LEU A 82 -16.33 -19.29 3.79
CA LEU A 82 -16.05 -19.85 5.11
C LEU A 82 -15.93 -18.80 6.19
N PHE A 83 -15.98 -17.52 5.85
CA PHE A 83 -15.79 -16.43 6.80
C PHE A 83 -17.02 -15.54 6.91
N ASP A 84 -18.17 -15.99 6.39
CA ASP A 84 -19.41 -15.23 6.52
C ASP A 84 -20.05 -15.41 7.89
N GLY A 85 -19.76 -16.50 8.57
CA GLY A 85 -20.36 -16.78 9.86
C GLY A 85 -19.46 -16.40 11.02
N PRO A 86 -19.60 -17.12 12.14
CA PRO A 86 -18.83 -16.76 13.35
C PRO A 86 -17.32 -16.76 13.15
N ARG A 87 -16.77 -17.60 12.28
CA ARG A 87 -15.33 -17.63 12.09
C ARG A 87 -14.80 -16.27 11.67
N GLY A 88 -15.51 -15.58 10.79
CA GLY A 88 -15.12 -14.24 10.37
C GLY A 88 -15.23 -13.18 11.45
N GLU A 89 -15.84 -13.51 12.59
CA GLU A 89 -15.94 -12.61 13.73
C GLU A 89 -14.88 -12.88 14.78
N ASN A 90 -13.99 -13.84 14.53
CA ASN A 90 -13.03 -14.31 15.52
C ASN A 90 -11.64 -14.39 14.88
N PRO A 91 -10.74 -13.47 15.20
CA PRO A 91 -9.41 -13.49 14.56
C PRO A 91 -8.63 -14.76 14.83
N GLU A 92 -8.76 -15.36 16.01
CA GLU A 92 -8.00 -16.57 16.31
C GLU A 92 -8.49 -17.75 15.48
N ASP A 93 -9.80 -17.85 15.25
CA ASP A 93 -10.33 -18.91 14.41
C ASP A 93 -10.10 -18.61 12.93
N THR A 94 -10.14 -17.35 12.53
CA THR A 94 -9.78 -16.98 11.18
C THR A 94 -8.32 -17.34 10.88
N LYS A 95 -7.41 -16.91 11.76
CA LYS A 95 -6.00 -17.19 11.56
C LYS A 95 -5.71 -18.68 11.56
N GLN A 96 -6.45 -19.44 12.36
CA GLN A 96 -6.23 -20.88 12.41
C GLN A 96 -6.51 -21.53 11.06
N LEU A 97 -7.50 -21.03 10.32
CA LEU A 97 -7.76 -21.57 8.99
C LEU A 97 -6.79 -21.02 7.97
N THR A 98 -6.56 -19.70 7.98
CA THR A 98 -5.65 -19.12 6.99
C THR A 98 -4.24 -19.68 7.12
N ASP A 99 -3.81 -19.97 8.36
CA ASP A 99 -2.49 -20.57 8.56
C ASP A 99 -2.40 -21.95 7.91
N GLN A 100 -3.48 -22.73 7.99
CA GLN A 100 -3.46 -24.07 7.41
C GLN A 100 -3.47 -24.02 5.88
N VAL A 101 -4.12 -23.01 5.30
CA VAL A 101 -4.09 -22.86 3.85
C VAL A 101 -2.74 -22.31 3.40
N ALA A 102 -2.29 -21.21 4.02
CA ALA A 102 -1.04 -20.57 3.63
C ALA A 102 0.15 -21.51 3.76
N ALA A 103 0.07 -22.54 4.60
CA ALA A 103 1.17 -23.49 4.73
C ALA A 103 1.48 -24.20 3.42
N ALA A 104 0.52 -24.26 2.49
CA ALA A 104 0.78 -24.88 1.19
C ALA A 104 1.85 -24.12 0.41
N LEU A 105 2.02 -22.82 0.69
CA LEU A 105 3.05 -22.05 0.01
C LEU A 105 4.44 -22.52 0.39
N ASP A 106 4.60 -23.12 1.57
CA ASP A 106 5.90 -23.47 2.10
C ASP A 106 6.30 -24.92 1.85
N GLY A 107 5.34 -25.81 1.58
CA GLY A 107 5.64 -27.20 1.35
C GLY A 107 4.40 -28.06 1.33
N PRO A 108 4.59 -29.38 1.38
CA PRO A 108 3.44 -30.29 1.35
C PRO A 108 2.57 -30.11 2.58
N LEU A 109 1.26 -30.35 2.39
CA LEU A 109 0.34 -30.32 3.51
C LEU A 109 0.22 -31.70 4.14
N PRO A 110 -0.03 -31.77 5.45
CA PRO A 110 -0.43 -33.05 6.04
C PRO A 110 -1.77 -33.49 5.49
N ASP A 111 -1.97 -34.81 5.42
CA ASP A 111 -3.23 -35.35 4.90
C ASP A 111 -4.43 -34.88 5.72
N THR A 112 -4.24 -34.49 6.97
CA THR A 112 -5.33 -34.04 7.82
C THR A 112 -5.70 -32.58 7.60
N ALA A 113 -5.03 -31.88 6.69
CA ALA A 113 -5.41 -30.50 6.40
C ALA A 113 -6.84 -30.46 5.86
N PRO A 114 -7.57 -29.38 6.13
CA PRO A 114 -8.96 -29.29 5.67
C PRO A 114 -9.04 -29.27 4.15
N PRO A 115 -10.18 -29.67 3.58
CA PRO A 115 -10.29 -29.73 2.12
C PRO A 115 -9.99 -28.42 1.42
N ILE A 116 -10.36 -27.29 2.01
CA ILE A 116 -10.13 -26.00 1.38
C ILE A 116 -8.63 -25.72 1.27
N ALA A 117 -7.83 -26.33 2.15
CA ALA A 117 -6.37 -26.15 2.08
C ALA A 117 -5.76 -27.06 1.02
N HIS A 118 -6.23 -28.30 0.91
CA HIS A 118 -5.78 -29.16 -0.17
C HIS A 118 -6.13 -28.60 -1.53
N GLY A 119 -7.28 -27.92 -1.64
CA GLY A 119 -7.65 -27.31 -2.90
C GLY A 119 -6.72 -26.18 -3.30
N PHE A 120 -6.36 -25.33 -2.34
CA PHE A 120 -5.42 -24.26 -2.62
C PHE A 120 -4.06 -24.81 -3.01
N ALA A 121 -3.61 -25.86 -2.31
CA ALA A 121 -2.31 -26.46 -2.63
C ALA A 121 -2.28 -27.00 -4.05
N ASP A 122 -3.40 -27.50 -4.56
CA ASP A 122 -3.43 -27.99 -5.93
C ASP A 122 -3.38 -26.85 -6.93
N ILE A 123 -3.98 -25.70 -6.60
CA ILE A 123 -3.91 -24.54 -7.49
C ILE A 123 -2.50 -23.97 -7.49
N TRP A 124 -1.91 -23.79 -6.31
CA TRP A 124 -0.58 -23.20 -6.22
C TRP A 124 0.46 -24.04 -6.93
N ARG A 125 0.38 -25.37 -6.79
CA ARG A 125 1.29 -26.26 -7.51
C ARG A 125 1.21 -26.02 -9.01
N ARG A 126 -0.01 -25.87 -9.54
CA ARG A 126 -0.16 -25.64 -10.98
C ARG A 126 0.22 -24.22 -11.36
N THR A 127 0.06 -23.27 -10.44
CA THR A 127 0.40 -21.88 -10.75
C THR A 127 1.90 -21.70 -10.95
N CYS A 128 2.71 -22.37 -10.14
CA CYS A 128 4.15 -22.11 -10.14
C CYS A 128 4.91 -22.92 -11.17
N GLU A 129 4.43 -24.11 -11.51
CA GLU A 129 5.14 -24.98 -12.44
C GLU A 129 5.38 -24.26 -13.76
N GLY A 130 6.65 -24.10 -14.11
CA GLY A 130 7.02 -23.50 -15.37
C GLY A 130 7.25 -22.01 -15.34
N MET A 131 7.06 -21.35 -14.20
CA MET A 131 7.41 -19.95 -14.04
C MET A 131 8.79 -19.84 -13.39
N THR A 132 9.37 -18.64 -13.46
CA THR A 132 10.67 -18.45 -12.83
C THR A 132 10.53 -18.54 -11.31
N PRO A 133 11.56 -19.01 -10.61
CA PRO A 133 11.49 -19.06 -9.14
C PRO A 133 11.19 -17.71 -8.51
N ALA A 134 11.73 -16.62 -9.06
CA ALA A 134 11.47 -15.30 -8.50
C ALA A 134 10.02 -14.89 -8.68
N TRP A 135 9.38 -15.33 -9.77
CA TRP A 135 7.95 -15.08 -9.94
C TRP A 135 7.12 -15.82 -8.89
N CYS A 136 7.49 -17.07 -8.61
CA CYS A 136 6.77 -17.84 -7.60
C CYS A 136 6.89 -17.19 -6.23
N ALA A 137 8.10 -16.76 -5.87
CA ALA A 137 8.31 -16.14 -4.56
C ALA A 137 7.47 -14.88 -4.42
N ARG A 138 7.44 -14.05 -5.47
CA ARG A 138 6.65 -12.82 -5.42
C ARG A 138 5.17 -13.12 -5.35
N SER A 139 4.70 -14.10 -6.14
CA SER A 139 3.29 -14.46 -6.12
C SER A 139 2.89 -15.09 -4.79
N ALA A 140 3.80 -15.82 -4.16
CA ALA A 140 3.53 -16.38 -2.83
C ALA A 140 3.38 -15.26 -1.81
N ARG A 141 4.18 -14.21 -1.92
CA ARG A 141 4.04 -13.07 -1.02
C ARG A 141 2.68 -12.41 -1.19
N HIS A 142 2.20 -12.31 -2.43
CA HIS A 142 0.87 -11.76 -2.67
C HIS A 142 -0.21 -12.59 -1.99
N TRP A 143 -0.09 -13.92 -2.03
CA TRP A 143 -1.05 -14.78 -1.34
C TRP A 143 -1.01 -14.53 0.17
N ARG A 144 0.20 -14.38 0.73
CA ARG A 144 0.30 -14.17 2.18
C ARG A 144 -0.33 -12.85 2.59
N ASN A 145 -0.18 -11.80 1.77
CA ASN A 145 -0.89 -10.55 2.04
C ASN A 145 -2.40 -10.76 2.04
N TYR A 146 -2.88 -11.61 1.14
CA TYR A 146 -4.32 -11.87 1.04
C TYR A 146 -4.83 -12.60 2.27
N PHE A 147 -4.12 -13.64 2.70
CA PHE A 147 -4.52 -14.40 3.87
C PHE A 147 -4.45 -13.55 5.14
N ASP A 148 -3.35 -12.80 5.30
CA ASP A 148 -3.24 -11.88 6.42
C ASP A 148 -4.38 -10.88 6.44
N GLY A 149 -4.85 -10.45 5.27
CA GLY A 149 -5.95 -9.50 5.22
C GLY A 149 -7.23 -10.04 5.83
N TYR A 150 -7.47 -11.34 5.72
CA TYR A 150 -8.65 -11.94 6.36
C TYR A 150 -8.55 -11.87 7.87
N VAL A 151 -7.34 -12.07 8.42
CA VAL A 151 -7.15 -11.96 9.86
C VAL A 151 -7.44 -10.52 10.31
N ASP A 152 -6.94 -9.54 9.57
CA ASP A 152 -7.19 -8.14 9.92
C ASP A 152 -8.68 -7.83 9.91
N GLU A 153 -9.41 -8.29 8.90
CA GLU A 153 -10.84 -8.03 8.84
C GLU A 153 -11.58 -8.66 10.02
N ALA A 154 -11.16 -9.86 10.42
CA ALA A 154 -11.77 -10.49 11.60
C ALA A 154 -11.48 -9.70 12.87
N GLU A 155 -10.30 -9.07 12.95
CA GLU A 155 -10.00 -8.23 14.10
C GLU A 155 -10.92 -7.02 14.16
N SER A 156 -11.15 -6.38 13.01
CA SER A 156 -12.01 -5.19 12.99
C SER A 156 -13.42 -5.52 13.48
N ARG A 157 -13.94 -6.69 13.10
CA ARG A 157 -15.28 -7.07 13.54
C ARG A 157 -15.30 -7.43 15.02
N PHE A 158 -14.30 -8.19 15.48
CA PHE A 158 -14.29 -8.67 16.85
C PHE A 158 -14.22 -7.51 17.84
N TRP A 159 -13.26 -6.60 17.64
CA TRP A 159 -13.07 -5.49 18.55
C TRP A 159 -14.04 -4.34 18.30
N ASN A 160 -15.06 -4.55 17.46
CA ASN A 160 -16.04 -3.50 17.13
C ASN A 160 -15.36 -2.21 16.72
N ALA A 161 -14.33 -2.34 15.89
CA ALA A 161 -13.63 -1.18 15.34
C ALA A 161 -13.91 -1.08 13.85
N PRO A 162 -15.05 -0.53 13.45
CA PRO A 162 -15.29 -0.32 12.02
C PRO A 162 -14.39 0.77 11.47
N CYS A 163 -14.13 0.70 10.17
CA CYS A 163 -13.26 1.66 9.53
C CYS A 163 -13.88 3.06 9.57
N ASP A 164 -13.12 4.02 10.09
CA ASP A 164 -13.62 5.39 10.25
C ASP A 164 -13.36 6.27 9.04
N SER A 165 -12.66 5.77 8.02
CA SER A 165 -12.34 6.58 6.86
C SER A 165 -12.11 5.68 5.66
N ALA A 166 -12.27 6.27 4.47
CA ALA A 166 -11.99 5.54 3.24
C ALA A 166 -10.54 5.05 3.21
N ALA A 167 -9.61 5.88 3.69
CA ALA A 167 -8.19 5.52 3.63
C ALA A 167 -7.90 4.29 4.47
N GLN A 168 -8.53 4.18 5.64
CA GLN A 168 -8.30 3.01 6.49
C GLN A 168 -8.92 1.75 5.89
N TYR A 169 -10.08 1.88 5.25
CA TYR A 169 -10.73 0.75 4.62
C TYR A 169 -9.89 0.22 3.45
N LEU A 170 -9.49 1.12 2.55
CA LEU A 170 -8.66 0.73 1.41
C LEU A 170 -7.40 0.02 1.86
N ALA A 171 -6.72 0.57 2.87
CA ALA A 171 -5.50 -0.05 3.38
C ALA A 171 -5.74 -1.49 3.80
N MET A 172 -6.96 -1.83 4.20
CA MET A 172 -7.32 -3.21 4.53
C MET A 172 -7.96 -3.94 3.34
N ARG A 173 -8.88 -3.28 2.65
CA ARG A 173 -9.63 -3.93 1.58
C ARG A 173 -8.77 -4.19 0.34
N ARG A 174 -7.71 -3.42 0.13
CA ARG A 174 -6.85 -3.64 -1.03
C ARG A 174 -6.18 -5.01 -1.01
N HIS A 175 -6.10 -5.65 0.16
CA HIS A 175 -5.52 -6.98 0.25
C HIS A 175 -6.57 -8.08 0.21
N THR A 176 -7.72 -7.88 0.86
CA THR A 176 -8.76 -8.91 0.87
C THR A 176 -9.50 -9.02 -0.46
N ILE A 177 -9.43 -8.00 -1.30
CA ILE A 177 -10.18 -8.02 -2.56
C ILE A 177 -9.61 -9.06 -3.53
N GLY A 178 -8.37 -9.52 -3.32
CA GLY A 178 -7.82 -10.60 -4.10
C GLY A 178 -7.48 -10.30 -5.54
N VAL A 179 -7.30 -9.02 -5.88
CA VAL A 179 -7.04 -8.67 -7.28
C VAL A 179 -5.64 -9.09 -7.70
N GLN A 180 -4.64 -8.86 -6.86
CA GLN A 180 -3.28 -9.17 -7.26
C GLN A 180 -3.05 -10.66 -7.52
N PRO A 181 -3.52 -11.60 -6.68
CA PRO A 181 -3.41 -13.01 -7.05
C PRO A 181 -4.15 -13.35 -8.34
N THR A 182 -5.25 -12.63 -8.63
CA THR A 182 -5.95 -12.82 -9.89
C THR A 182 -5.11 -12.36 -11.07
N VAL A 183 -4.46 -11.19 -10.94
CA VAL A 183 -3.60 -10.69 -12.01
C VAL A 183 -2.41 -11.62 -12.21
N ASP A 184 -1.81 -12.09 -11.11
CA ASP A 184 -0.70 -13.03 -11.20
C ASP A 184 -1.06 -14.23 -12.06
N LEU A 185 -2.28 -14.76 -11.88
CA LEU A 185 -2.67 -15.95 -12.63
C LEU A 185 -2.83 -15.65 -14.12
N ALA A 186 -3.19 -14.41 -14.48
CA ALA A 186 -3.25 -14.05 -15.88
C ALA A 186 -1.89 -14.22 -16.55
N GLU A 187 -0.81 -13.93 -15.83
CA GLU A 187 0.53 -14.18 -16.35
C GLU A 187 0.77 -15.67 -16.55
N ARG A 188 0.48 -16.47 -15.52
CA ARG A 188 0.64 -17.91 -15.62
C ARG A 188 -0.26 -18.49 -16.72
N ALA A 189 -1.51 -18.02 -16.79
CA ALA A 189 -2.43 -18.53 -17.80
C ALA A 189 -1.99 -18.12 -19.21
N GLY A 190 -1.32 -16.98 -19.35
CA GLY A 190 -0.80 -16.53 -20.61
C GLY A 190 0.63 -16.97 -20.90
N ARG A 191 1.28 -17.63 -19.94
CA ARG A 191 2.64 -18.14 -20.12
C ARG A 191 3.63 -17.02 -20.46
N PHE A 192 3.48 -15.90 -19.77
CA PHE A 192 4.43 -14.80 -19.88
C PHE A 192 4.64 -14.22 -18.49
N GLU A 193 5.72 -13.46 -18.34
CA GLU A 193 6.00 -12.73 -17.11
C GLU A 193 6.37 -11.29 -17.47
N VAL A 194 5.65 -10.33 -16.90
CA VAL A 194 6.04 -8.94 -17.09
C VAL A 194 7.43 -8.74 -16.50
N PRO A 195 8.32 -7.97 -17.14
CA PRO A 195 9.66 -7.77 -16.58
C PRO A 195 9.58 -7.35 -15.12
N HIS A 196 10.33 -8.06 -14.28
CA HIS A 196 10.15 -7.93 -12.83
C HIS A 196 10.50 -6.53 -12.35
N ARG A 197 11.52 -5.90 -12.94
CA ARG A 197 11.84 -4.54 -12.53
C ARG A 197 10.75 -3.55 -12.92
N VAL A 198 9.93 -3.88 -13.93
CA VAL A 198 8.83 -3.00 -14.29
C VAL A 198 7.59 -3.27 -13.43
N PHE A 199 7.38 -4.52 -13.00
CA PHE A 199 6.32 -4.79 -12.04
C PHE A 199 6.47 -3.91 -10.80
N ASP A 200 7.71 -3.74 -10.32
CA ASP A 200 8.00 -2.93 -9.14
C ASP A 200 7.98 -1.43 -9.42
N SER A 201 7.84 -1.01 -10.68
CA SER A 201 7.94 0.40 -11.00
C SER A 201 6.78 1.19 -10.37
N ALA A 202 7.04 2.47 -10.13
CA ALA A 202 6.01 3.33 -9.55
C ALA A 202 4.80 3.44 -10.45
N VAL A 203 5.02 3.41 -11.78
CA VAL A 203 3.90 3.57 -12.71
C VAL A 203 3.05 2.31 -12.75
N MET A 204 3.68 1.14 -12.78
CA MET A 204 2.91 -0.10 -12.78
C MET A 204 2.21 -0.30 -11.45
N SER A 205 2.86 0.09 -10.35
CA SER A 205 2.22 0.01 -9.04
CA SER A 205 2.22 0.01 -9.04
C SER A 205 0.96 0.86 -9.00
N ALA A 206 0.99 2.04 -9.62
CA ALA A 206 -0.19 2.89 -9.65
C ALA A 206 -1.28 2.29 -10.53
N MET A 207 -0.89 1.66 -11.65
CA MET A 207 -1.88 0.99 -12.48
C MET A 207 -2.54 -0.17 -11.74
N LEU A 208 -1.73 -0.95 -11.01
CA LEU A 208 -2.29 -2.07 -10.25
C LEU A 208 -3.16 -1.58 -9.12
N GLN A 209 -2.81 -0.45 -8.50
CA GLN A 209 -3.63 0.09 -7.43
C GLN A 209 -4.99 0.54 -7.96
N ILE A 210 -5.02 1.12 -9.17
CA ILE A 210 -6.30 1.48 -9.79
C ILE A 210 -7.14 0.23 -10.03
N ALA A 211 -6.51 -0.84 -10.53
CA ALA A 211 -7.24 -2.09 -10.75
C ALA A 211 -7.80 -2.63 -9.44
N VAL A 212 -7.02 -2.54 -8.36
CA VAL A 212 -7.50 -2.98 -7.05
C VAL A 212 -8.67 -2.11 -6.60
N ASP A 213 -8.48 -0.78 -6.66
CA ASP A 213 -9.50 0.13 -6.15
C ASP A 213 -10.80 0.03 -6.93
N VAL A 214 -10.72 -0.10 -8.25
CA VAL A 214 -11.92 -0.19 -9.07
C VAL A 214 -12.69 -1.47 -8.76
N ASN A 215 -11.97 -2.57 -8.54
CA ASN A 215 -12.63 -3.84 -8.25
C ASN A 215 -13.39 -3.79 -6.93
N LEU A 216 -12.82 -3.16 -5.91
CA LEU A 216 -13.48 -3.14 -4.62
C LEU A 216 -14.63 -2.12 -4.58
N LEU A 217 -14.52 -1.02 -5.34
CA LEU A 217 -15.65 -0.11 -5.47
C LEU A 217 -16.80 -0.77 -6.20
N LEU A 218 -16.50 -1.48 -7.29
CA LEU A 218 -17.53 -2.23 -8.01
C LEU A 218 -18.19 -3.26 -7.11
N ASN A 219 -17.38 -3.97 -6.30
CA ASN A 219 -17.92 -5.03 -5.46
C ASN A 219 -18.78 -4.46 -4.33
N ASP A 220 -18.36 -3.33 -3.77
CA ASP A 220 -19.13 -2.75 -2.66
C ASP A 220 -20.49 -2.24 -3.11
N ILE A 221 -20.63 -1.88 -4.38
CA ILE A 221 -21.94 -1.49 -4.89
C ILE A 221 -22.78 -2.71 -5.24
N ALA A 222 -22.18 -3.67 -5.94
CA ALA A 222 -22.91 -4.87 -6.33
C ALA A 222 -23.41 -5.65 -5.12
N SER A 223 -22.65 -5.65 -4.03
CA SER A 223 -23.02 -6.37 -2.81
C SER A 223 -23.58 -5.43 -1.74
N LEU A 224 -24.05 -4.24 -2.14
CA LEU A 224 -24.54 -3.29 -1.15
C LEU A 224 -25.80 -3.80 -0.47
N GLU A 225 -26.73 -4.39 -1.22
CA GLU A 225 -27.99 -4.84 -0.66
C GLU A 225 -27.76 -5.95 0.36
N LYS A 226 -26.98 -6.96 0.00
CA LYS A 226 -26.71 -8.07 0.91
C LYS A 226 -26.14 -7.58 2.23
N GLU A 227 -25.16 -6.67 2.17
CA GLU A 227 -24.44 -6.27 3.37
C GLU A 227 -25.22 -5.27 4.23
N GLU A 228 -26.21 -4.58 3.66
CA GLU A 228 -27.15 -3.85 4.50
C GLU A 228 -28.01 -4.81 5.30
N ALA A 229 -28.50 -5.87 4.65
CA ALA A 229 -29.37 -6.83 5.31
C ALA A 229 -28.67 -7.59 6.43
N ARG A 230 -27.35 -7.52 6.50
CA ARG A 230 -26.57 -8.16 7.57
C ARG A 230 -25.94 -7.15 8.52
N GLY A 231 -26.26 -5.86 8.36
CA GLY A 231 -25.69 -4.85 9.24
C GLY A 231 -24.18 -4.71 9.13
N GLU A 232 -23.65 -4.83 7.91
CA GLU A 232 -22.21 -4.69 7.70
C GLU A 232 -21.83 -3.22 7.67
N GLN A 233 -20.72 -2.89 8.33
CA GLN A 233 -20.26 -1.51 8.43
C GLN A 233 -19.02 -1.23 7.60
N ASN A 234 -18.24 -2.25 7.25
CA ASN A 234 -17.05 -2.06 6.41
C ASN A 234 -17.45 -2.26 4.94
N ASN A 235 -18.21 -1.29 4.46
CA ASN A 235 -18.59 -1.16 3.05
C ASN A 235 -18.41 0.30 2.68
N MET A 236 -17.83 0.54 1.49
CA MET A 236 -17.43 1.90 1.13
C MET A 236 -18.62 2.86 1.17
N VAL A 237 -19.80 2.40 0.78
CA VAL A 237 -21.00 3.24 0.88
C VAL A 237 -21.26 3.64 2.33
N MET A 238 -21.24 2.65 3.23
CA MET A 238 -21.46 2.94 4.65
C MET A 238 -20.36 3.82 5.21
N ILE A 239 -19.11 3.56 4.82
CA ILE A 239 -17.99 4.28 5.40
C ILE A 239 -17.97 5.74 4.94
N LEU A 240 -18.42 6.01 3.71
CA LEU A 240 -18.50 7.39 3.25
C LEU A 240 -19.58 8.16 4.01
N ARG A 241 -20.68 7.49 4.39
CA ARG A 241 -21.72 8.15 5.17
C ARG A 241 -21.24 8.50 6.57
N ARG A 242 -20.29 7.74 7.11
CA ARG A 242 -19.77 8.04 8.43
C ARG A 242 -18.63 9.06 8.37
N GLU A 243 -17.72 8.90 7.41
CA GLU A 243 -16.56 9.79 7.34
C GLU A 243 -16.95 11.20 6.90
N HIS A 244 -17.90 11.30 5.96
CA HIS A 244 -18.28 12.59 5.38
C HIS A 244 -19.69 13.02 5.74
N GLY A 245 -20.44 12.20 6.46
CA GLY A 245 -21.81 12.59 6.84
C GLY A 245 -22.72 12.81 5.66
N TRP A 246 -22.59 11.99 4.62
CA TRP A 246 -23.40 12.12 3.42
C TRP A 246 -24.49 11.06 3.40
N SER A 247 -25.43 11.22 2.48
CA SER A 247 -26.55 10.28 2.34
C SER A 247 -26.07 9.04 1.60
N LYS A 248 -27.03 8.19 1.21
CA LYS A 248 -26.69 6.99 0.45
C LYS A 248 -26.54 7.29 -1.04
N SER A 249 -27.40 8.15 -1.57
CA SER A 249 -27.34 8.47 -3.00
C SER A 249 -26.10 9.30 -3.34
N ARG A 250 -25.63 10.12 -2.40
CA ARG A 250 -24.42 10.90 -2.64
C ARG A 250 -23.18 10.04 -2.62
N SER A 251 -23.11 9.09 -1.67
CA SER A 251 -21.94 8.21 -1.59
C SER A 251 -21.82 7.33 -2.81
N VAL A 252 -22.94 6.91 -3.40
CA VAL A 252 -22.89 6.08 -4.60
C VAL A 252 -22.41 6.91 -5.79
N SER A 253 -22.91 8.14 -5.93
CA SER A 253 -22.44 9.02 -7.00
C SER A 253 -20.96 9.35 -6.82
N HIS A 254 -20.51 9.50 -5.57
CA HIS A 254 -19.10 9.76 -5.33
C HIS A 254 -18.25 8.58 -5.77
N MET A 255 -18.74 7.36 -5.58
CA MET A 255 -17.98 6.18 -5.98
C MET A 255 -17.99 5.98 -7.48
N GLN A 256 -19.05 6.41 -8.17
CA GLN A 256 -19.03 6.40 -9.63
C GLN A 256 -17.99 7.38 -10.17
N ASN A 257 -17.97 8.59 -9.63
CA ASN A 257 -17.00 9.59 -10.08
C ASN A 257 -15.58 9.13 -9.79
N GLU A 258 -15.36 8.46 -8.66
CA GLU A 258 -14.03 7.96 -8.35
C GLU A 258 -13.61 6.86 -9.32
N VAL A 259 -14.55 5.99 -9.72
CA VAL A 259 -14.24 4.99 -10.73
C VAL A 259 -13.89 5.68 -12.06
N ARG A 260 -14.65 6.71 -12.42
CA ARG A 260 -14.36 7.43 -13.65
C ARG A 260 -13.01 8.12 -13.59
N ALA A 261 -12.74 8.84 -12.49
CA ALA A 261 -11.48 9.55 -12.35
C ALA A 261 -10.29 8.59 -12.41
N ARG A 262 -10.42 7.42 -11.77
CA ARG A 262 -9.32 6.47 -11.77
C ARG A 262 -9.13 5.81 -13.13
N LEU A 263 -10.23 5.57 -13.85
CA LEU A 263 -10.11 5.02 -15.20
C LEU A 263 -9.46 6.03 -16.15
N GLU A 264 -9.77 7.32 -15.97
CA GLU A 264 -9.11 8.34 -16.77
C GLU A 264 -7.62 8.39 -16.45
N GLN A 265 -7.28 8.34 -15.16
CA GLN A 265 -5.87 8.31 -14.78
C GLN A 265 -5.19 7.04 -15.26
N TYR A 266 -5.93 5.92 -15.26
CA TYR A 266 -5.37 4.67 -15.77
C TYR A 266 -4.92 4.82 -17.22
N LEU A 267 -5.71 5.53 -18.03
CA LEU A 267 -5.33 5.74 -19.43
C LEU A 267 -4.08 6.62 -19.53
N LEU A 268 -3.99 7.65 -18.70
CA LEU A 268 -2.78 8.47 -18.66
C LEU A 268 -1.55 7.61 -18.34
N LEU A 269 -1.67 6.74 -17.33
CA LEU A 269 -0.54 5.91 -16.92
C LEU A 269 -0.15 4.92 -18.01
N GLU A 270 -1.12 4.39 -18.74
CA GLU A 270 -0.81 3.50 -19.86
C GLU A 270 0.07 4.20 -20.90
N SER A 271 -0.23 5.47 -21.19
CA SER A 271 0.53 6.21 -22.19
C SER A 271 1.96 6.46 -21.76
N CYS A 272 2.29 6.26 -20.48
CA CYS A 272 3.65 6.43 -19.99
C CYS A 272 4.50 5.17 -20.12
N LEU A 273 3.89 4.03 -20.45
CA LEU A 273 4.59 2.75 -20.45
C LEU A 273 5.73 2.67 -21.47
N PRO A 274 5.63 3.26 -22.67
CA PRO A 274 6.81 3.27 -23.56
C PRO A 274 8.01 3.96 -22.94
N LYS A 275 7.80 5.11 -22.28
CA LYS A 275 8.91 5.78 -21.63
C LYS A 275 9.37 5.01 -20.39
N VAL A 276 8.45 4.35 -19.69
CA VAL A 276 8.85 3.50 -18.58
C VAL A 276 9.75 2.36 -19.06
N GLY A 277 9.41 1.77 -20.21
CA GLY A 277 10.26 0.73 -20.75
C GLY A 277 11.64 1.25 -21.12
N GLU A 278 11.70 2.48 -21.64
CA GLU A 278 12.99 3.09 -21.95
C GLU A 278 13.80 3.28 -20.67
N ILE A 279 13.18 3.83 -19.63
CA ILE A 279 13.86 4.07 -18.36
C ILE A 279 14.49 2.79 -17.82
N TYR A 280 13.80 1.66 -17.98
CA TYR A 280 14.29 0.36 -17.52
C TYR A 280 15.02 -0.42 -18.62
N GLN A 281 15.28 0.20 -19.77
CA GLN A 281 16.09 -0.40 -20.83
C GLN A 281 15.56 -1.78 -21.24
N LEU A 282 14.25 -1.86 -21.43
CA LEU A 282 13.65 -3.11 -21.89
C LEU A 282 14.04 -3.39 -23.33
N ASP A 283 14.39 -4.64 -23.61
CA ASP A 283 14.62 -5.04 -24.99
C ASP A 283 13.29 -5.33 -25.67
N THR A 284 13.36 -5.81 -26.92
CA THR A 284 12.15 -6.05 -27.71
C THR A 284 11.24 -7.07 -27.03
N ALA A 285 11.81 -8.19 -26.58
CA ALA A 285 11.00 -9.23 -25.96
C ALA A 285 10.36 -8.73 -24.67
N GLU A 286 11.12 -8.00 -23.85
CA GLU A 286 10.57 -7.49 -22.60
C GLU A 286 9.45 -6.49 -22.86
N ARG A 287 9.57 -5.70 -23.93
CA ARG A 287 8.51 -4.74 -24.26
C ARG A 287 7.23 -5.46 -24.64
N GLU A 288 7.33 -6.58 -25.36
CA GLU A 288 6.15 -7.35 -25.69
C GLU A 288 5.53 -7.99 -24.46
N ALA A 289 6.36 -8.46 -23.53
CA ALA A 289 5.84 -9.01 -22.27
C ALA A 289 5.10 -7.94 -21.48
N LEU A 290 5.63 -6.72 -21.47
CA LEU A 290 4.94 -5.62 -20.78
C LEU A 290 3.62 -5.30 -21.44
N GLU A 291 3.59 -5.32 -22.78
CA GLU A 291 2.34 -5.06 -23.50
C GLU A 291 1.30 -6.14 -23.20
N ARG A 292 1.73 -7.40 -23.13
CA ARG A 292 0.80 -8.47 -22.78
C ARG A 292 0.28 -8.32 -21.36
N TYR A 293 1.13 -7.89 -20.44
CA TYR A 293 0.69 -7.65 -19.07
C TYR A 293 -0.37 -6.55 -19.06
N ARG A 294 -0.15 -5.48 -19.81
CA ARG A 294 -1.09 -4.36 -19.84
C ARG A 294 -2.46 -4.79 -20.35
N THR A 295 -2.49 -5.57 -21.44
CA THR A 295 -3.74 -5.87 -22.11
C THR A 295 -4.41 -7.14 -21.60
N ASP A 296 -3.64 -8.16 -21.24
CA ASP A 296 -4.19 -9.46 -20.85
C ASP A 296 -4.26 -9.67 -19.35
N ALA A 297 -3.62 -8.81 -18.55
CA ALA A 297 -3.64 -8.98 -17.10
C ALA A 297 -4.27 -7.81 -16.38
N VAL A 298 -3.81 -6.58 -16.63
CA VAL A 298 -4.33 -5.43 -15.88
C VAL A 298 -5.66 -4.96 -16.47
N ARG A 299 -5.73 -4.83 -17.78
CA ARG A 299 -6.98 -4.38 -18.41
C ARG A 299 -8.09 -5.39 -18.19
N THR A 300 -7.78 -6.69 -18.25
CA THR A 300 -8.80 -7.71 -18.13
C THR A 300 -9.39 -7.74 -16.72
N VAL A 301 -8.56 -7.56 -15.69
CA VAL A 301 -9.07 -7.61 -14.32
C VAL A 301 -9.97 -6.42 -14.03
N ILE A 302 -9.75 -5.31 -14.72
CA ILE A 302 -10.64 -4.15 -14.56
C ILE A 302 -11.96 -4.38 -15.28
N ARG A 303 -11.88 -4.73 -16.57
CA ARG A 303 -13.08 -4.82 -17.39
C ARG A 303 -13.88 -6.09 -17.09
N GLY A 304 -13.19 -7.23 -16.93
CA GLY A 304 -13.89 -8.48 -16.66
C GLY A 304 -14.69 -8.43 -15.38
N SER A 305 -14.20 -7.70 -14.38
CA SER A 305 -14.93 -7.60 -13.12
C SER A 305 -16.21 -6.79 -13.29
N TYR A 306 -16.17 -5.77 -14.15
CA TYR A 306 -17.36 -4.93 -14.36
C TYR A 306 -18.49 -5.75 -14.97
N ASP A 307 -18.19 -6.58 -15.97
CA ASP A 307 -19.22 -7.38 -16.61
C ASP A 307 -19.81 -8.41 -15.65
N TRP A 308 -18.94 -9.04 -14.84
CA TRP A 308 -19.39 -10.16 -14.00
C TRP A 308 -20.17 -9.69 -12.78
N HIS A 309 -19.83 -8.53 -12.21
CA HIS A 309 -20.56 -8.05 -11.04
C HIS A 309 -22.01 -7.72 -11.37
N ARG A 310 -22.35 -7.52 -12.64
CA ARG A 310 -23.73 -7.25 -13.02
C ARG A 310 -24.54 -8.52 -13.21
N SER A 311 -23.90 -9.61 -13.67
CA SER A 311 -24.62 -10.81 -14.06
C SER A 311 -24.52 -11.95 -13.05
N SER A 312 -23.55 -11.90 -12.14
CA SER A 312 -23.34 -13.01 -11.23
C SER A 312 -24.56 -13.23 -10.33
N GLY A 313 -24.78 -14.49 -9.95
CA GLY A 313 -25.86 -14.82 -9.05
C GLY A 313 -25.60 -14.47 -7.60
N ARG A 314 -24.33 -14.18 -7.26
CA ARG A 314 -24.00 -13.79 -5.89
C ARG A 314 -24.62 -12.46 -5.50
N TYR A 315 -25.04 -11.66 -6.47
CA TYR A 315 -25.57 -10.32 -6.20
C TYR A 315 -26.96 -10.12 -6.79
N ASP A 316 -27.65 -11.21 -7.13
CA ASP A 316 -29.01 -11.14 -7.65
C ASP A 316 -30.01 -11.11 -6.50
N ALA A 325 -29.58 -21.92 4.72
CA ALA A 325 -28.62 -22.96 4.41
C ALA A 325 -27.20 -22.57 4.85
N GLN A 326 -27.13 -21.54 5.69
CA GLN A 326 -25.84 -21.08 6.19
C GLN A 326 -25.12 -22.21 6.92
N GLY A 327 -23.80 -22.25 6.75
CA GLY A 327 -22.98 -23.27 7.37
C GLY A 327 -22.82 -24.56 6.59
N TYR A 328 -23.43 -24.67 5.40
CA TYR A 328 -23.36 -25.92 4.66
C TYR A 328 -21.96 -26.23 4.14
N LEU A 329 -21.08 -25.23 4.08
CA LEU A 329 -19.70 -25.43 3.65
C LEU A 329 -18.73 -25.59 4.82
N GLU A 330 -19.23 -25.75 6.04
CA GLU A 330 -18.37 -25.75 7.21
C GLU A 330 -17.33 -26.86 7.17
N GLU A 331 -17.71 -28.03 6.66
CA GLU A 331 -16.79 -29.16 6.60
C GLU A 331 -15.59 -28.91 5.69
N LEU A 332 -15.63 -27.88 4.85
CA LEU A 332 -14.46 -27.54 4.03
C LEU A 332 -13.31 -26.99 4.87
N GLY A 333 -13.60 -26.41 6.03
CA GLY A 333 -12.59 -25.88 6.91
C GLY A 333 -12.26 -26.73 8.12
N SER A 334 -12.69 -27.99 8.13
CA SER A 334 -12.49 -28.88 9.27
C SER A 334 -11.39 -29.87 8.93
N SER A 335 -10.37 -29.94 9.80
CA SER A 335 -9.27 -30.87 9.62
C SER A 335 -9.69 -32.29 9.95
N VAL B 5 29.41 7.38 -3.44
CA VAL B 5 28.05 6.97 -3.78
C VAL B 5 27.20 8.18 -4.11
N ASP B 6 27.01 8.45 -5.40
CA ASP B 6 26.20 9.57 -5.85
C ASP B 6 24.91 9.06 -6.49
N PHE B 7 23.95 9.97 -6.64
CA PHE B 7 22.63 9.63 -7.16
C PHE B 7 22.20 10.65 -8.20
N HIS B 8 21.26 10.23 -9.03
CA HIS B 8 20.71 11.07 -10.10
C HIS B 8 19.46 11.76 -9.57
N ILE B 9 19.59 13.03 -9.19
CA ILE B 9 18.48 13.80 -8.63
C ILE B 9 18.28 15.06 -9.47
N PRO B 10 17.54 14.99 -10.58
CA PRO B 10 17.38 16.17 -11.45
C PRO B 10 16.32 17.14 -10.93
N LEU B 11 16.59 17.72 -9.78
CA LEU B 11 15.71 18.68 -9.14
C LEU B 11 16.56 19.80 -8.55
N PRO B 12 16.04 21.03 -8.54
CA PRO B 12 16.86 22.15 -8.06
C PRO B 12 17.00 22.14 -6.54
N GLY B 13 18.22 22.40 -6.07
CA GLY B 13 18.44 22.59 -4.65
C GLY B 13 17.92 23.94 -4.20
N ARG B 14 17.29 23.95 -3.02
CA ARG B 14 16.74 25.17 -2.45
C ARG B 14 17.02 25.18 -0.95
N GLN B 15 17.05 26.37 -0.38
CA GLN B 15 17.20 26.52 1.06
C GLN B 15 16.48 27.78 1.50
N SER B 16 15.84 27.71 2.65
CA SER B 16 15.17 28.87 3.22
C SER B 16 16.18 30.00 3.44
N PRO B 17 15.84 31.24 3.10
CA PRO B 17 16.76 32.36 3.38
C PRO B 17 16.93 32.63 4.86
N ASP B 18 16.09 32.04 5.71
CA ASP B 18 16.15 32.23 7.16
C ASP B 18 16.88 31.10 7.86
N HIS B 19 17.73 30.36 7.14
CA HIS B 19 18.36 29.18 7.70
CA HIS B 19 18.36 29.18 7.70
C HIS B 19 19.29 29.54 8.86
N ALA B 20 20.02 30.65 8.75
CA ALA B 20 21.01 31.00 9.75
C ALA B 20 20.37 31.23 11.13
N ARG B 21 19.27 31.99 11.17
CA ARG B 21 18.61 32.22 12.46
C ARG B 21 18.04 30.93 13.03
N ALA B 22 17.34 30.15 12.19
CA ALA B 22 16.75 28.90 12.66
C ALA B 22 17.81 27.94 13.18
N GLU B 23 18.96 27.88 12.50
CA GLU B 23 20.06 27.03 12.96
C GLU B 23 20.59 27.51 14.30
N ALA B 24 20.67 28.83 14.50
CA ALA B 24 21.25 29.37 15.72
C ALA B 24 20.33 29.18 16.92
N GLU B 25 19.01 29.16 16.71
CA GLU B 25 18.04 29.10 17.80
C GLU B 25 17.48 27.71 18.02
N GLN B 26 18.02 26.69 17.35
CA GLN B 26 17.35 25.39 17.30
C GLN B 26 17.30 24.70 18.67
N LEU B 27 18.28 24.95 19.54
CA LEU B 27 18.40 24.16 20.76
C LEU B 27 17.41 24.57 21.85
N ALA B 28 16.83 25.77 21.76
CA ALA B 28 15.98 26.26 22.85
C ALA B 28 14.77 25.35 23.06
N TRP B 29 14.11 24.94 21.99
CA TRP B 29 12.90 24.13 22.13
C TRP B 29 13.17 22.78 22.75
N PRO B 30 14.13 21.97 22.29
CA PRO B 30 14.36 20.68 22.96
C PRO B 30 14.92 20.81 24.37
N ARG B 31 15.70 21.86 24.65
CA ARG B 31 16.19 22.07 26.02
C ARG B 31 15.04 22.38 26.97
N SER B 32 14.06 23.16 26.52
CA SER B 32 12.94 23.54 27.38
C SER B 32 12.10 22.35 27.79
N LEU B 33 12.17 21.25 27.05
CA LEU B 33 11.42 20.04 27.38
C LEU B 33 12.25 19.00 28.13
N GLY B 34 13.54 19.24 28.31
CA GLY B 34 14.42 18.26 28.92
C GLY B 34 14.92 17.19 27.98
N LEU B 35 14.62 17.29 26.67
CA LEU B 35 15.12 16.31 25.71
C LEU B 35 16.62 16.43 25.52
N ILE B 36 17.18 17.63 25.71
CA ILE B 36 18.62 17.85 25.67
C ILE B 36 19.00 18.58 26.95
N ARG B 37 19.98 18.03 27.68
CA ARG B 37 20.39 18.64 28.94
C ARG B 37 21.90 18.88 28.99
N SER B 38 22.69 17.83 28.77
CA SER B 38 24.13 17.97 28.87
C SER B 38 24.69 18.74 27.68
N ASP B 39 25.90 19.27 27.87
CA ASP B 39 26.57 19.95 26.76
C ASP B 39 26.86 19.00 25.61
N ALA B 40 27.25 17.75 25.94
CA ALA B 40 27.57 16.78 24.89
C ALA B 40 26.34 16.40 24.09
N ALA B 41 25.17 16.32 24.74
CA ALA B 41 23.94 16.04 24.02
C ALA B 41 23.57 17.19 23.10
N ALA B 42 23.88 18.43 23.49
CA ALA B 42 23.64 19.57 22.62
C ALA B 42 24.55 19.54 21.40
N GLU B 43 25.84 19.24 21.61
CA GLU B 43 26.77 19.17 20.49
C GLU B 43 26.41 18.02 19.55
N ARG B 44 26.07 16.86 20.12
CA ARG B 44 25.64 15.74 19.29
C ARG B 44 24.43 16.12 18.44
N HIS B 45 23.50 16.89 19.00
CA HIS B 45 22.35 17.34 18.23
C HIS B 45 22.77 18.29 17.10
N LEU B 46 23.69 19.20 17.39
CA LEU B 46 24.13 20.16 16.38
C LEU B 46 24.84 19.47 15.22
N ARG B 47 25.62 18.43 15.51
CA ARG B 47 26.33 17.71 14.46
C ARG B 47 25.37 17.01 13.49
N GLY B 48 24.09 16.85 13.88
CA GLY B 48 23.13 16.23 12.98
C GLY B 48 22.67 17.15 11.86
N GLY B 49 22.78 18.47 12.04
CA GLY B 49 22.36 19.41 11.01
C GLY B 49 20.88 19.38 10.74
N TYR B 50 20.06 19.31 11.79
CA TYR B 50 18.61 19.16 11.61
C TYR B 50 17.95 20.46 11.19
N ALA B 51 18.55 21.61 11.53
CA ALA B 51 18.04 22.88 11.03
C ALA B 51 18.37 23.06 9.55
N ASP B 52 19.54 22.60 9.13
CA ASP B 52 19.86 22.58 7.71
C ASP B 52 18.87 21.71 6.94
N LEU B 53 18.57 20.53 7.48
CA LEU B 53 17.59 19.64 6.84
C LEU B 53 16.23 20.32 6.73
N ALA B 54 15.75 20.91 7.83
CA ALA B 54 14.45 21.58 7.81
C ALA B 54 14.44 22.73 6.80
N SER B 55 15.55 23.47 6.69
CA SER B 55 15.61 24.59 5.76
C SER B 55 15.57 24.15 4.31
N ARG B 56 15.97 22.91 4.02
CA ARG B 56 15.91 22.39 2.66
C ARG B 56 14.60 21.66 2.37
N PHE B 57 13.99 21.06 3.39
CA PHE B 57 12.63 20.56 3.22
C PHE B 57 11.63 21.69 3.04
N TYR B 58 11.85 22.82 3.70
CA TYR B 58 10.89 23.92 3.75
C TYR B 58 11.58 25.24 3.38
N PRO B 59 12.03 25.36 2.13
CA PRO B 59 12.69 26.62 1.72
C PRO B 59 11.73 27.79 1.69
N HIS B 60 10.43 27.55 1.58
CA HIS B 60 9.40 28.57 1.52
C HIS B 60 8.98 29.07 2.89
N ALA B 61 9.59 28.59 3.96
CA ALA B 61 9.19 28.92 5.32
C ALA B 61 10.27 29.77 6.00
N THR B 62 9.81 30.75 6.78
CA THR B 62 10.69 31.59 7.58
C THR B 62 10.09 31.77 8.96
N GLY B 63 10.90 32.28 9.88
CA GLY B 63 10.41 32.61 11.21
C GLY B 63 9.83 31.41 11.93
N ALA B 64 8.66 31.61 12.54
CA ALA B 64 8.04 30.56 13.34
C ALA B 64 7.67 29.36 12.49
N ASP B 65 7.27 29.58 11.23
CA ASP B 65 6.92 28.47 10.35
C ASP B 65 8.12 27.55 10.14
N LEU B 66 9.29 28.14 9.90
CA LEU B 66 10.51 27.33 9.77
C LEU B 66 10.89 26.69 11.10
N ASP B 67 10.67 27.40 12.21
CA ASP B 67 11.00 26.84 13.52
C ASP B 67 10.23 25.56 13.78
N LEU B 68 8.95 25.52 13.40
CA LEU B 68 8.16 24.30 13.55
C LEU B 68 8.76 23.16 12.74
N GLY B 69 9.29 23.46 11.55
CA GLY B 69 9.99 22.44 10.78
C GLY B 69 11.28 21.98 11.43
N VAL B 70 12.02 22.92 12.02
CA VAL B 70 13.22 22.55 12.77
C VAL B 70 12.85 21.67 13.96
N ASP B 71 11.77 22.01 14.65
CA ASP B 71 11.36 21.24 15.83
C ASP B 71 10.94 19.83 15.44
N LEU B 72 10.23 19.68 14.32
CA LEU B 72 9.83 18.36 13.87
C LEU B 72 11.05 17.49 13.60
N MET B 73 12.04 18.03 12.89
CA MET B 73 13.26 17.28 12.63
C MET B 73 13.97 16.94 13.94
N SER B 74 14.17 17.94 14.81
CA SER B 74 14.78 17.70 16.10
C SER B 74 14.04 16.60 16.86
N TRP B 75 12.71 16.70 16.93
CA TRP B 75 11.93 15.73 17.68
C TRP B 75 12.02 14.35 17.06
N ALA B 76 11.95 14.27 15.72
CA ALA B 76 11.93 12.96 15.06
C ALA B 76 13.19 12.17 15.34
N PHE B 77 14.35 12.83 15.33
CA PHE B 77 15.60 12.13 15.59
C PHE B 77 15.82 11.85 17.07
N LEU B 78 15.37 12.75 17.95
CA LEU B 78 15.41 12.44 19.38
C LEU B 78 14.45 11.30 19.70
N PHE B 79 13.29 11.28 19.04
CA PHE B 79 12.35 10.17 19.21
C PHE B 79 12.97 8.86 18.76
N ASP B 80 13.65 8.87 17.61
CA ASP B 80 14.24 7.65 17.07
C ASP B 80 15.34 7.12 17.99
N ASP B 81 16.05 8.01 18.69
CA ASP B 81 17.07 7.59 19.65
C ASP B 81 16.53 6.60 20.67
N LEU B 82 15.26 6.75 21.05
CA LEU B 82 14.68 5.98 22.14
C LEU B 82 14.45 4.51 21.78
N PHE B 83 14.68 4.12 20.54
CA PHE B 83 14.41 2.75 20.10
C PHE B 83 15.65 2.03 19.59
N ASP B 84 16.84 2.58 19.85
CA ASP B 84 18.08 1.93 19.44
C ASP B 84 18.54 0.84 20.40
N GLY B 85 17.97 0.78 21.60
CA GLY B 85 18.35 -0.23 22.57
C GLY B 85 17.31 -1.33 22.68
N PRO B 86 17.12 -1.85 23.89
CA PRO B 86 16.20 -2.98 24.07
C PRO B 86 14.76 -2.66 23.73
N ARG B 87 14.33 -1.39 23.89
CA ARG B 87 12.94 -1.04 23.62
C ARG B 87 12.58 -1.34 22.17
N GLY B 88 13.47 -1.01 21.23
CA GLY B 88 13.22 -1.28 19.84
C GLY B 88 13.23 -2.74 19.44
N GLU B 89 13.53 -3.64 20.38
CA GLU B 89 13.51 -5.08 20.13
C GLU B 89 12.38 -5.79 20.85
N ASN B 90 11.43 -5.04 21.42
CA ASN B 90 10.26 -5.60 22.08
C ASN B 90 9.05 -4.78 21.68
N PRO B 91 8.10 -5.37 20.93
CA PRO B 91 6.94 -4.58 20.48
C PRO B 91 6.07 -4.09 21.62
N GLU B 92 5.96 -4.86 22.71
CA GLU B 92 5.19 -4.41 23.86
C GLU B 92 5.83 -3.19 24.51
N ASP B 93 7.17 -3.20 24.63
CA ASP B 93 7.87 -2.03 25.16
C ASP B 93 7.78 -0.85 24.19
N THR B 94 7.99 -1.12 22.90
CA THR B 94 7.85 -0.06 21.90
C THR B 94 6.45 0.53 21.91
N LYS B 95 5.43 -0.34 21.92
CA LYS B 95 4.05 0.17 21.92
C LYS B 95 3.71 0.88 23.21
N GLN B 96 4.37 0.55 24.32
CA GLN B 96 4.14 1.28 25.56
C GLN B 96 4.51 2.75 25.41
N LEU B 97 5.63 3.04 24.74
CA LEU B 97 6.03 4.42 24.53
C LEU B 97 5.24 5.08 23.41
N THR B 98 5.05 4.38 22.29
CA THR B 98 4.37 5.00 21.14
C THR B 98 2.94 5.36 21.46
N ASP B 99 2.26 4.54 22.29
CA ASP B 99 0.89 4.85 22.66
C ASP B 99 0.82 6.14 23.47
N GLN B 100 1.82 6.39 24.32
CA GLN B 100 1.84 7.62 25.10
C GLN B 100 2.05 8.84 24.20
N VAL B 101 2.83 8.70 23.13
CA VAL B 101 3.03 9.81 22.21
C VAL B 101 1.80 10.02 21.35
N ALA B 102 1.29 8.94 20.76
CA ALA B 102 0.14 9.05 19.86
C ALA B 102 -1.12 9.52 20.57
N ALA B 103 -1.16 9.44 21.91
CA ALA B 103 -2.32 9.93 22.65
C ALA B 103 -2.55 11.41 22.40
N ALA B 104 -1.47 12.17 22.14
CA ALA B 104 -1.61 13.59 21.88
C ALA B 104 -2.50 13.87 20.67
N LEU B 105 -2.60 12.91 19.75
CA LEU B 105 -3.45 13.09 18.57
C LEU B 105 -4.92 13.16 18.95
N ASP B 106 -5.31 12.54 20.08
CA ASP B 106 -6.71 12.44 20.46
C ASP B 106 -7.14 13.51 21.47
N GLY B 107 -6.23 14.00 22.31
CA GLY B 107 -6.57 15.00 23.29
C GLY B 107 -5.37 15.47 24.06
N PRO B 108 -5.60 16.21 25.15
CA PRO B 108 -4.50 16.72 25.96
C PRO B 108 -3.73 15.59 26.63
N LEU B 109 -2.45 15.84 26.88
CA LEU B 109 -1.66 14.80 27.53
C LEU B 109 -1.68 14.97 29.05
N PRO B 110 -1.67 13.88 29.79
CA PRO B 110 -1.48 13.97 31.24
C PRO B 110 -0.12 14.59 31.56
N ASP B 111 -0.04 15.21 32.73
CA ASP B 111 1.21 15.84 33.15
C ASP B 111 2.33 14.82 33.35
N THR B 112 1.97 13.55 33.57
CA THR B 112 2.95 12.50 33.80
C THR B 112 3.56 11.97 32.50
N ALA B 113 3.06 12.39 31.34
CA ALA B 113 3.56 11.90 30.08
C ALA B 113 5.03 12.25 29.90
N PRO B 114 5.79 11.43 29.19
CA PRO B 114 7.23 11.68 29.04
C PRO B 114 7.49 12.97 28.29
N PRO B 115 8.69 13.54 28.41
CA PRO B 115 8.99 14.77 27.65
C PRO B 115 8.87 14.60 26.15
N ILE B 116 9.29 13.45 25.62
CA ILE B 116 9.17 13.22 24.18
C ILE B 116 7.71 13.25 23.75
N ALA B 117 6.79 12.89 24.65
CA ALA B 117 5.37 12.96 24.34
C ALA B 117 4.88 14.41 24.35
N HIS B 118 5.28 15.17 25.38
CA HIS B 118 4.92 16.59 25.42
C HIS B 118 5.54 17.35 24.25
N GLY B 119 6.75 16.98 23.85
CA GLY B 119 7.35 17.58 22.67
C GLY B 119 6.50 17.36 21.43
N PHE B 120 6.03 16.13 21.23
CA PHE B 120 5.19 15.84 20.08
C PHE B 120 3.87 16.60 20.15
N ALA B 121 3.28 16.68 21.34
CA ALA B 121 2.01 17.37 21.50
C ALA B 121 2.12 18.84 21.13
N ASP B 122 3.26 19.46 21.44
CA ASP B 122 3.46 20.86 21.07
C ASP B 122 3.64 21.02 19.57
N ILE B 123 4.34 20.08 18.93
CA ILE B 123 4.46 20.10 17.47
C ILE B 123 3.10 19.93 16.82
N TRP B 124 2.30 18.99 17.34
CA TRP B 124 1.00 18.71 16.73
C TRP B 124 0.04 19.87 16.92
N ARG B 125 0.06 20.51 18.09
CA ARG B 125 -0.77 21.68 18.33
C ARG B 125 -0.50 22.77 17.29
N ARG B 126 0.78 23.02 17.01
CA ARG B 126 1.15 24.05 16.04
C ARG B 126 0.84 23.60 14.62
N THR B 127 0.94 22.30 14.34
CA THR B 127 0.73 21.79 12.98
C THR B 127 -0.70 22.02 12.52
N CYS B 128 -1.68 21.94 13.42
CA CYS B 128 -3.08 22.03 13.06
C CYS B 128 -3.62 23.45 13.00
N GLU B 129 -2.87 24.43 13.52
CA GLU B 129 -3.33 25.81 13.51
C GLU B 129 -3.61 26.29 12.08
N GLY B 130 -4.82 26.80 11.87
CA GLY B 130 -5.19 27.37 10.59
C GLY B 130 -5.40 26.37 9.47
N MET B 131 -5.46 25.07 9.78
CA MET B 131 -5.68 24.05 8.78
C MET B 131 -7.09 23.48 8.93
N THR B 132 -7.63 22.97 7.83
CA THR B 132 -8.99 22.46 7.84
C THR B 132 -9.09 21.21 8.71
N PRO B 133 -10.24 20.96 9.32
CA PRO B 133 -10.39 19.75 10.15
C PRO B 133 -10.14 18.46 9.39
N ALA B 134 -10.45 18.43 8.09
CA ALA B 134 -10.17 17.24 7.29
C ALA B 134 -8.67 17.05 7.09
N TRP B 135 -7.91 18.15 7.01
CA TRP B 135 -6.46 18.04 6.88
C TRP B 135 -5.84 17.49 8.16
N CYS B 136 -6.30 17.99 9.32
CA CYS B 136 -5.78 17.50 10.60
C CYS B 136 -6.05 16.01 10.76
N ALA B 137 -7.26 15.57 10.43
CA ALA B 137 -7.61 14.16 10.57
C ALA B 137 -6.74 13.29 9.66
N ARG B 138 -6.56 13.71 8.40
CA ARG B 138 -5.72 12.94 7.48
C ARG B 138 -4.28 12.90 7.96
N SER B 139 -3.74 14.04 8.39
CA SER B 139 -2.38 14.07 8.91
C SER B 139 -2.26 13.29 10.22
N ALA B 140 -3.34 13.23 11.00
CA ALA B 140 -3.32 12.40 12.21
C ALA B 140 -3.18 10.92 11.86
N ARG B 141 -3.92 10.47 10.83
CA ARG B 141 -3.77 9.09 10.37
C ARG B 141 -2.34 8.80 9.93
N HIS B 142 -1.70 9.78 9.28
CA HIS B 142 -0.32 9.59 8.85
C HIS B 142 0.61 9.39 10.04
N TRP B 143 0.38 10.12 11.12
CA TRP B 143 1.19 9.92 12.33
C TRP B 143 0.95 8.54 12.92
N ARG B 144 -0.30 8.07 12.93
CA ARG B 144 -0.59 6.76 13.51
C ARG B 144 0.06 5.64 12.70
N ASN B 145 0.09 5.77 11.37
CA ASN B 145 0.84 4.82 10.56
C ASN B 145 2.31 4.82 10.93
N TYR B 146 2.86 5.99 11.22
CA TYR B 146 4.26 6.11 11.61
C TYR B 146 4.53 5.37 12.92
N PHE B 147 3.73 5.67 13.95
CA PHE B 147 3.93 5.01 15.24
C PHE B 147 3.65 3.51 15.15
N ASP B 148 2.62 3.12 14.40
CA ASP B 148 2.34 1.71 14.20
C ASP B 148 3.51 1.01 13.53
N GLY B 149 4.24 1.72 12.66
CA GLY B 149 5.37 1.12 11.99
C GLY B 149 6.50 0.79 12.94
N TYR B 150 6.71 1.63 13.95
CA TYR B 150 7.75 1.35 14.94
C TYR B 150 7.47 0.05 15.70
N VAL B 151 6.19 -0.22 15.97
CA VAL B 151 5.82 -1.48 16.63
C VAL B 151 6.09 -2.65 15.70
N ASP B 152 5.83 -2.49 14.40
CA ASP B 152 6.09 -3.57 13.46
C ASP B 152 7.57 -3.89 13.37
N GLU B 153 8.43 -2.86 13.39
CA GLU B 153 9.87 -3.11 13.34
C GLU B 153 10.36 -3.82 14.59
N ALA B 154 9.82 -3.45 15.76
CA ALA B 154 10.17 -4.15 16.98
C ALA B 154 9.71 -5.61 16.94
N GLU B 155 8.54 -5.85 16.33
CA GLU B 155 8.06 -7.23 16.16
C GLU B 155 9.03 -8.04 15.32
N SER B 156 9.51 -7.46 14.21
CA SER B 156 10.43 -8.18 13.34
C SER B 156 11.71 -8.56 14.07
N ARG B 157 12.26 -7.63 14.87
CA ARG B 157 13.47 -7.94 15.62
C ARG B 157 13.20 -8.95 16.71
N PHE B 158 12.04 -8.86 17.36
CA PHE B 158 11.73 -9.74 18.48
C PHE B 158 11.67 -11.20 18.03
N TRP B 159 10.94 -11.47 16.95
CA TRP B 159 10.77 -12.83 16.46
C TRP B 159 11.91 -13.30 15.58
N ASN B 160 12.96 -12.49 15.41
CA ASN B 160 14.06 -12.81 14.51
C ASN B 160 13.55 -13.20 13.14
N ALA B 161 12.60 -12.40 12.63
CA ALA B 161 11.97 -12.63 11.34
C ALA B 161 12.30 -11.46 10.42
N PRO B 162 13.48 -11.46 9.80
CA PRO B 162 13.85 -10.36 8.92
C PRO B 162 13.06 -10.39 7.61
N CYS B 163 12.96 -9.22 7.00
CA CYS B 163 12.33 -9.12 5.68
C CYS B 163 13.15 -9.91 4.67
N ASP B 164 12.46 -10.71 3.86
CA ASP B 164 13.12 -11.54 2.86
C ASP B 164 12.94 -11.02 1.44
N SER B 165 12.47 -9.78 1.29
CA SER B 165 12.34 -9.17 -0.02
C SER B 165 12.20 -7.67 0.15
N ALA B 166 12.55 -6.93 -0.91
CA ALA B 166 12.35 -5.49 -0.90
C ALA B 166 10.89 -5.13 -0.66
N ALA B 167 9.97 -5.91 -1.24
CA ALA B 167 8.54 -5.60 -1.15
C ALA B 167 8.05 -5.66 0.29
N GLN B 168 8.35 -6.74 1.01
CA GLN B 168 7.99 -6.82 2.42
C GLN B 168 8.61 -5.67 3.22
N TYR B 169 9.85 -5.31 2.89
CA TYR B 169 10.54 -4.25 3.61
C TYR B 169 9.85 -2.91 3.40
N LEU B 170 9.56 -2.57 2.14
CA LEU B 170 8.95 -1.28 1.83
C LEU B 170 7.58 -1.14 2.49
N ALA B 171 6.79 -2.21 2.52
CA ALA B 171 5.49 -2.16 3.16
C ALA B 171 5.57 -1.73 4.62
N MET B 172 6.72 -1.95 5.25
CA MET B 172 6.97 -1.53 6.62
C MET B 172 7.73 -0.21 6.69
N ARG B 173 8.83 -0.09 5.94
CA ARG B 173 9.68 1.09 6.05
C ARG B 173 9.06 2.33 5.45
N ARG B 174 8.07 2.18 4.56
CA ARG B 174 7.42 3.37 4.00
C ARG B 174 6.71 4.17 5.06
N HIS B 175 6.35 3.54 6.18
CA HIS B 175 5.69 4.25 7.27
C HIS B 175 6.68 4.78 8.30
N THR B 176 7.77 4.05 8.58
CA THR B 176 8.69 4.45 9.63
C THR B 176 9.70 5.50 9.18
N ILE B 177 9.92 5.65 7.88
CA ILE B 177 10.87 6.66 7.39
C ILE B 177 10.38 8.07 7.72
N GLY B 178 9.08 8.24 7.94
CA GLY B 178 8.55 9.53 8.37
C GLY B 178 8.46 10.58 7.30
N VAL B 179 8.40 10.19 6.03
CA VAL B 179 8.40 11.17 4.94
C VAL B 179 7.04 11.85 4.83
N GLN B 180 5.96 11.09 4.97
CA GLN B 180 4.63 11.67 4.79
C GLN B 180 4.32 12.77 5.81
N PRO B 181 4.59 12.61 7.11
CA PRO B 181 4.40 13.75 8.02
C PRO B 181 5.34 14.91 7.71
N THR B 182 6.52 14.61 7.17
CA THR B 182 7.42 15.67 6.72
C THR B 182 6.79 16.48 5.60
N VAL B 183 6.25 15.79 4.59
CA VAL B 183 5.55 16.48 3.50
C VAL B 183 4.33 17.22 4.02
N ASP B 184 3.61 16.60 4.97
CA ASP B 184 2.43 17.25 5.56
C ASP B 184 2.79 18.61 6.14
N LEU B 185 3.88 18.67 6.91
CA LEU B 185 4.27 19.92 7.54
C LEU B 185 4.61 20.99 6.51
N ALA B 186 5.07 20.59 5.32
CA ALA B 186 5.37 21.57 4.27
C ALA B 186 4.12 22.34 3.88
N GLU B 187 2.97 21.66 3.82
CA GLU B 187 1.70 22.36 3.61
C GLU B 187 1.44 23.38 4.71
N ARG B 188 1.60 22.94 5.97
CA ARG B 188 1.36 23.84 7.10
C ARG B 188 2.37 24.98 7.12
N ALA B 189 3.63 24.70 6.79
CA ALA B 189 4.66 25.74 6.84
C ALA B 189 4.41 26.82 5.80
N GLY B 190 3.78 26.47 4.68
CA GLY B 190 3.47 27.40 3.62
C GLY B 190 2.04 27.89 3.59
N ARG B 191 1.20 27.48 4.54
CA ARG B 191 -0.18 27.95 4.67
C ARG B 191 -0.99 27.64 3.41
N PHE B 192 -0.89 26.40 2.93
CA PHE B 192 -1.71 25.96 1.81
C PHE B 192 -2.06 24.49 2.01
N GLU B 193 -3.09 24.06 1.27
CA GLU B 193 -3.53 22.66 1.26
C GLU B 193 -3.74 22.25 -0.18
N VAL B 194 -3.00 21.23 -0.62
CA VAL B 194 -3.28 20.65 -1.93
C VAL B 194 -4.72 20.13 -1.94
N PRO B 195 -5.47 20.29 -3.04
CA PRO B 195 -6.85 19.79 -3.06
C PRO B 195 -6.92 18.33 -2.63
N HIS B 196 -7.85 18.04 -1.72
CA HIS B 196 -7.87 16.75 -1.05
C HIS B 196 -8.17 15.61 -2.02
N ARG B 197 -9.04 15.84 -3.01
CA ARG B 197 -9.31 14.80 -3.99
C ARG B 197 -8.12 14.52 -4.88
N VAL B 198 -7.22 15.50 -5.04
CA VAL B 198 -6.00 15.25 -5.81
C VAL B 198 -4.95 14.54 -4.96
N PHE B 199 -4.90 14.84 -3.66
CA PHE B 199 -4.00 14.10 -2.77
C PHE B 199 -4.28 12.60 -2.84
N ASP B 200 -5.56 12.23 -2.91
CA ASP B 200 -5.97 10.83 -2.98
C ASP B 200 -5.88 10.25 -4.39
N SER B 201 -5.53 11.06 -5.38
CA SER B 201 -5.48 10.56 -6.75
C SER B 201 -4.37 9.53 -6.92
N ALA B 202 -4.54 8.67 -7.92
CA ALA B 202 -3.54 7.65 -8.19
C ALA B 202 -2.19 8.27 -8.57
N VAL B 203 -2.22 9.35 -9.36
CA VAL B 203 -0.99 9.97 -9.83
C VAL B 203 -0.22 10.58 -8.66
N MET B 204 -0.90 11.35 -7.81
CA MET B 204 -0.22 11.93 -6.65
C MET B 204 0.22 10.85 -5.68
N SER B 205 -0.58 9.79 -5.52
CA SER B 205 -0.16 8.69 -4.67
CA SER B 205 -0.17 8.68 -4.68
C SER B 205 1.15 8.08 -5.16
N ALA B 206 1.33 7.98 -6.48
CA ALA B 206 2.57 7.46 -7.03
C ALA B 206 3.72 8.44 -6.82
N MET B 207 3.45 9.74 -6.96
CA MET B 207 4.48 10.75 -6.71
C MET B 207 4.95 10.70 -5.26
N LEU B 208 4.01 10.59 -4.31
CA LEU B 208 4.38 10.51 -2.90
C LEU B 208 5.10 9.21 -2.59
N GLN B 209 4.69 8.10 -3.22
CA GLN B 209 5.39 6.84 -3.01
C GLN B 209 6.84 6.94 -3.49
N ILE B 210 7.09 7.69 -4.56
CA ILE B 210 8.46 7.89 -5.03
C ILE B 210 9.25 8.71 -4.01
N ALA B 211 8.66 9.78 -3.49
CA ALA B 211 9.34 10.60 -2.48
C ALA B 211 9.69 9.77 -1.26
N VAL B 212 8.77 8.91 -0.81
CA VAL B 212 9.05 8.04 0.33
C VAL B 212 10.17 7.07 0.00
N ASP B 213 10.11 6.44 -1.17
CA ASP B 213 11.08 5.40 -1.53
C ASP B 213 12.48 5.98 -1.68
N VAL B 214 12.61 7.10 -2.39
CA VAL B 214 13.92 7.71 -2.58
C VAL B 214 14.54 8.07 -1.24
N ASN B 215 13.73 8.57 -0.31
CA ASN B 215 14.24 8.96 1.01
C ASN B 215 14.76 7.75 1.78
N LEU B 216 14.03 6.63 1.74
CA LEU B 216 14.47 5.47 2.50
C LEU B 216 15.66 4.77 1.86
N LEU B 217 15.75 4.80 0.53
CA LEU B 217 16.91 4.25 -0.14
C LEU B 217 18.17 5.05 0.20
N LEU B 218 18.06 6.38 0.14
CA LEU B 218 19.18 7.23 0.51
C LEU B 218 19.57 7.02 1.97
N ASN B 219 18.59 6.89 2.86
CA ASN B 219 18.89 6.73 4.28
C ASN B 219 19.51 5.37 4.57
N ASP B 220 19.05 4.32 3.87
CA ASP B 220 19.62 3.00 4.10
C ASP B 220 21.08 2.91 3.67
N ILE B 221 21.47 3.64 2.63
CA ILE B 221 22.88 3.67 2.25
C ILE B 221 23.67 4.52 3.23
N ALA B 222 23.11 5.64 3.68
CA ALA B 222 23.81 6.49 4.64
C ALA B 222 24.01 5.80 5.98
N SER B 223 23.10 4.89 6.35
CA SER B 223 23.19 4.18 7.62
C SER B 223 23.89 2.83 7.49
N LEU B 224 24.47 2.53 6.34
CA LEU B 224 24.94 1.17 6.06
C LEU B 224 26.04 0.75 7.03
N GLU B 225 27.05 1.61 7.23
CA GLU B 225 28.16 1.24 8.11
C GLU B 225 27.67 0.91 9.51
N LYS B 226 26.80 1.76 10.07
CA LYS B 226 26.30 1.52 11.42
C LYS B 226 25.46 0.25 11.50
N GLU B 227 24.60 0.02 10.52
CA GLU B 227 23.66 -1.10 10.60
C GLU B 227 24.32 -2.42 10.20
N GLU B 228 25.33 -2.37 9.34
CA GLU B 228 26.10 -3.58 9.06
C GLU B 228 26.94 -3.99 10.27
N ALA B 229 27.49 -3.01 10.99
CA ALA B 229 28.34 -3.30 12.13
C ALA B 229 27.55 -3.92 13.28
N ARG B 230 26.28 -3.56 13.43
CA ARG B 230 25.45 -4.05 14.51
C ARG B 230 24.58 -5.24 14.10
N GLY B 231 24.80 -5.79 12.91
CA GLY B 231 24.05 -6.94 12.47
C GLY B 231 22.59 -6.68 12.16
N GLU B 232 22.25 -5.45 11.77
CA GLU B 232 20.89 -5.17 11.33
C GLU B 232 20.63 -5.85 10.00
N GLN B 233 19.52 -6.59 9.91
CA GLN B 233 19.16 -7.28 8.69
C GLN B 233 18.16 -6.52 7.84
N ASN B 234 17.37 -5.63 8.44
CA ASN B 234 16.35 -4.89 7.70
C ASN B 234 16.92 -3.55 7.24
N ASN B 235 17.89 -3.67 6.35
CA ASN B 235 18.42 -2.57 5.54
C ASN B 235 18.33 -3.00 4.09
N MET B 236 17.92 -2.08 3.21
CA MET B 236 17.67 -2.46 1.82
C MET B 236 18.90 -3.10 1.18
N VAL B 237 20.09 -2.64 1.54
CA VAL B 237 21.32 -3.24 0.99
C VAL B 237 21.40 -4.71 1.38
N MET B 238 21.20 -5.02 2.66
CA MET B 238 21.28 -6.41 3.11
C MET B 238 20.15 -7.24 2.54
N ILE B 239 18.94 -6.66 2.44
CA ILE B 239 17.78 -7.41 1.96
C ILE B 239 17.97 -7.79 0.50
N LEU B 240 18.47 -6.87 -0.33
CA LEU B 240 18.72 -7.20 -1.73
C LEU B 240 19.78 -8.27 -1.88
N ARG B 241 20.77 -8.31 -0.97
CA ARG B 241 21.74 -9.39 -0.98
C ARG B 241 21.05 -10.73 -0.74
N ARG B 242 20.17 -10.79 0.26
CA ARG B 242 19.47 -12.04 0.56
C ARG B 242 18.50 -12.40 -0.55
N GLU B 243 17.70 -11.43 -1.00
CA GLU B 243 16.62 -11.73 -1.95
C GLU B 243 17.16 -12.29 -3.24
N HIS B 244 18.25 -11.72 -3.78
CA HIS B 244 18.75 -12.09 -5.09
C HIS B 244 20.09 -12.81 -5.06
N GLY B 245 20.74 -12.92 -3.91
CA GLY B 245 22.06 -13.50 -3.86
C GLY B 245 23.09 -12.60 -4.50
N TRP B 246 23.16 -11.35 -4.06
CA TRP B 246 24.02 -10.34 -4.64
C TRP B 246 25.13 -9.93 -3.66
N SER B 247 26.24 -9.46 -4.22
CA SER B 247 27.28 -8.85 -3.41
C SER B 247 26.80 -7.49 -2.91
N LYS B 248 27.55 -6.93 -1.95
CA LYS B 248 27.17 -5.64 -1.40
C LYS B 248 27.22 -4.54 -2.45
N SER B 249 28.27 -4.53 -3.27
CA SER B 249 28.41 -3.49 -4.27
C SER B 249 27.37 -3.60 -5.37
N ARG B 250 26.94 -4.83 -5.70
CA ARG B 250 25.88 -4.98 -6.68
C ARG B 250 24.55 -4.49 -6.14
N SER B 251 24.29 -4.72 -4.85
CA SER B 251 23.05 -4.23 -4.25
C SER B 251 23.01 -2.70 -4.21
N VAL B 252 24.14 -2.08 -3.86
CA VAL B 252 24.20 -0.62 -3.85
C VAL B 252 24.00 -0.06 -5.25
N SER B 253 24.64 -0.68 -6.25
CA SER B 253 24.48 -0.24 -7.63
C SER B 253 23.03 -0.35 -8.08
N HIS B 254 22.36 -1.45 -7.70
CA HIS B 254 20.94 -1.58 -8.00
C HIS B 254 20.13 -0.46 -7.37
N MET B 255 20.44 -0.10 -6.12
CA MET B 255 19.71 0.96 -5.45
C MET B 255 19.96 2.32 -6.11
N GLN B 256 21.18 2.54 -6.61
CA GLN B 256 21.45 3.74 -7.39
C GLN B 256 20.60 3.76 -8.66
N ASN B 257 20.53 2.63 -9.36
CA ASN B 257 19.67 2.54 -10.54
C ASN B 257 18.22 2.79 -10.19
N GLU B 258 17.76 2.26 -9.04
CA GLU B 258 16.37 2.41 -8.67
C GLU B 258 16.03 3.85 -8.35
N VAL B 259 16.94 4.57 -7.67
CA VAL B 259 16.71 5.99 -7.40
C VAL B 259 16.61 6.75 -8.72
N ARG B 260 17.51 6.45 -9.66
CA ARG B 260 17.48 7.10 -10.97
C ARG B 260 16.16 6.82 -11.69
N ALA B 261 15.78 5.55 -11.78
CA ALA B 261 14.57 5.18 -12.49
C ALA B 261 13.33 5.84 -11.86
N ARG B 262 13.32 5.99 -10.54
CA ARG B 262 12.16 6.58 -9.90
C ARG B 262 12.12 8.10 -10.05
N LEU B 263 13.27 8.75 -10.11
CA LEU B 263 13.29 10.19 -10.40
C LEU B 263 12.79 10.46 -11.82
N GLU B 264 13.19 9.62 -12.78
CA GLU B 264 12.71 9.78 -14.14
C GLU B 264 11.22 9.51 -14.22
N GLN B 265 10.73 8.50 -13.49
CA GLN B 265 9.28 8.28 -13.42
C GLN B 265 8.58 9.43 -12.72
N TYR B 266 9.23 10.03 -11.72
CA TYR B 266 8.63 11.17 -11.03
C TYR B 266 8.36 12.31 -12.01
N LEU B 267 9.34 12.61 -12.88
CA LEU B 267 9.16 13.67 -13.86
C LEU B 267 8.03 13.34 -14.84
N LEU B 268 7.92 12.07 -15.24
CA LEU B 268 6.79 11.65 -16.07
C LEU B 268 5.46 11.92 -15.38
N LEU B 269 5.38 11.60 -14.08
CA LEU B 269 4.12 11.77 -13.36
C LEU B 269 3.77 13.24 -13.20
N GLU B 270 4.78 14.09 -12.95
CA GLU B 270 4.54 15.53 -12.92
C GLU B 270 3.91 16.02 -14.21
N SER B 271 4.37 15.51 -15.36
CA SER B 271 3.84 15.95 -16.64
C SER B 271 2.39 15.54 -16.85
N CYS B 272 1.86 14.63 -16.02
CA CYS B 272 0.45 14.25 -16.08
C CYS B 272 -0.44 15.17 -15.24
N LEU B 273 0.15 16.03 -14.41
CA LEU B 273 -0.66 16.84 -13.50
C LEU B 273 -1.61 17.82 -14.18
N PRO B 274 -1.29 18.41 -15.34
CA PRO B 274 -2.34 19.20 -16.04
C PRO B 274 -3.59 18.39 -16.35
N LYS B 275 -3.43 17.19 -16.93
CA LYS B 275 -4.59 16.35 -17.21
C LYS B 275 -5.30 15.93 -15.93
N VAL B 276 -4.54 15.71 -14.84
CA VAL B 276 -5.15 15.40 -13.56
C VAL B 276 -6.00 16.56 -13.07
N GLY B 277 -5.52 17.79 -13.28
CA GLY B 277 -6.29 18.95 -12.90
C GLY B 277 -7.63 19.04 -13.62
N GLU B 278 -7.65 18.63 -14.89
CA GLU B 278 -8.91 18.63 -15.64
C GLU B 278 -9.83 17.51 -15.17
N ILE B 279 -9.28 16.32 -14.93
CA ILE B 279 -10.09 15.18 -14.50
C ILE B 279 -10.84 15.51 -13.22
N TYR B 280 -10.17 16.18 -12.28
CA TYR B 280 -10.79 16.55 -11.02
C TYR B 280 -11.43 17.93 -11.04
N GLN B 281 -11.37 18.64 -12.18
CA GLN B 281 -12.06 19.91 -12.37
C GLN B 281 -11.62 20.94 -11.34
N LEU B 282 -10.31 21.13 -11.24
CA LEU B 282 -9.76 22.12 -10.31
C LEU B 282 -10.00 23.53 -10.83
N ASP B 283 -10.37 24.44 -9.92
CA ASP B 283 -10.48 25.85 -10.27
C ASP B 283 -9.08 26.49 -10.17
N THR B 284 -9.01 27.80 -10.32
CA THR B 284 -7.71 28.46 -10.42
C THR B 284 -6.94 28.37 -9.10
N ALA B 285 -7.62 28.58 -7.97
CA ALA B 285 -6.93 28.51 -6.68
C ALA B 285 -6.46 27.10 -6.38
N GLU B 286 -7.26 26.10 -6.73
CA GLU B 286 -6.87 24.71 -6.49
C GLU B 286 -5.69 24.31 -7.36
N ARG B 287 -5.61 24.83 -8.58
CA ARG B 287 -4.46 24.53 -9.44
C ARG B 287 -3.18 25.14 -8.89
N GLU B 288 -3.26 26.36 -8.35
CA GLU B 288 -2.08 26.99 -7.77
C GLU B 288 -1.65 26.26 -6.50
N ALA B 289 -2.60 25.77 -5.71
CA ALA B 289 -2.26 24.99 -4.52
C ALA B 289 -1.58 23.68 -4.91
N LEU B 290 -2.06 23.02 -5.96
CA LEU B 290 -1.40 21.82 -6.46
C LEU B 290 0.02 22.12 -6.91
N GLU B 291 0.23 23.26 -7.56
CA GLU B 291 1.58 23.63 -8.00
C GLU B 291 2.51 23.86 -6.82
N ARG B 292 2.00 24.46 -5.74
CA ARG B 292 2.82 24.66 -4.54
C ARG B 292 3.17 23.32 -3.90
N TYR B 293 2.19 22.41 -3.80
CA TYR B 293 2.45 21.09 -3.26
C TYR B 293 3.55 20.38 -4.04
N ARG B 294 3.52 20.50 -5.37
CA ARG B 294 4.52 19.84 -6.19
C ARG B 294 5.92 20.41 -5.94
N THR B 295 6.04 21.73 -5.94
CA THR B 295 7.35 22.37 -5.85
C THR B 295 7.84 22.57 -4.43
N ASP B 296 6.94 22.85 -3.48
CA ASP B 296 7.34 23.19 -2.13
C ASP B 296 7.20 22.05 -1.13
N ALA B 297 6.48 20.99 -1.48
CA ALA B 297 6.30 19.85 -0.59
C ALA B 297 6.95 18.58 -1.12
N VAL B 298 6.62 18.19 -2.36
CA VAL B 298 7.09 16.90 -2.87
C VAL B 298 8.52 17.00 -3.37
N ARG B 299 8.81 17.97 -4.25
CA ARG B 299 10.16 18.13 -4.77
C ARG B 299 11.17 18.38 -3.67
N THR B 300 10.78 19.16 -2.65
CA THR B 300 11.73 19.53 -1.61
C THR B 300 12.08 18.35 -0.71
N VAL B 301 11.11 17.47 -0.43
CA VAL B 301 11.41 16.33 0.43
C VAL B 301 12.33 15.34 -0.29
N ILE B 302 12.27 15.29 -1.62
CA ILE B 302 13.20 14.45 -2.38
C ILE B 302 14.58 15.08 -2.39
N ARG B 303 14.68 16.33 -2.89
CA ARG B 303 15.98 16.96 -3.10
C ARG B 303 16.66 17.31 -1.77
N GLY B 304 15.89 17.82 -0.81
CA GLY B 304 16.49 18.25 0.44
C GLY B 304 17.15 17.12 1.21
N SER B 305 16.56 15.93 1.17
CA SER B 305 17.17 14.77 1.81
C SER B 305 18.48 14.41 1.14
N TYR B 306 18.53 14.50 -0.18
CA TYR B 306 19.74 14.17 -0.91
C TYR B 306 20.88 15.12 -0.54
N ASP B 307 20.59 16.42 -0.49
CA ASP B 307 21.61 17.39 -0.12
C ASP B 307 22.08 17.20 1.32
N TRP B 308 21.14 16.94 2.23
CA TRP B 308 21.50 16.79 3.63
C TRP B 308 22.35 15.55 3.86
N HIS B 309 22.04 14.45 3.17
CA HIS B 309 22.86 13.25 3.27
C HIS B 309 24.25 13.46 2.68
N ARG B 310 24.36 14.26 1.62
CA ARG B 310 25.66 14.46 0.98
C ARG B 310 26.58 15.34 1.83
N SER B 311 26.03 16.29 2.57
CA SER B 311 26.83 17.14 3.43
C SER B 311 27.32 16.36 4.65
#